data_6GTQ
#
_entry.id   6GTQ
#
_cell.length_a   87.580
_cell.length_b   87.580
_cell.length_c   125.480
_cell.angle_alpha   90.00
_cell.angle_beta   90.00
_cell.angle_gamma   120.00
#
_symmetry.space_group_name_H-M   'P 31 2 1'
#
loop_
_entity.id
_entity.type
_entity.pdbx_description
1 polymer N-acetyltransferase
2 polymer 'DUF1778 domain-containing protein'
3 non-polymer 'CHLORIDE ION'
4 non-polymer GLYCEROL
5 non-polymer 'PHOSPHATE ION'
6 non-polymer 'ACETATE ION'
7 non-polymer 'CITRATE ANION'
8 non-polymer 'IODIDE ION'
9 water water
#
loop_
_entity_poly.entity_id
_entity_poly.type
_entity_poly.pdbx_seq_one_letter_code
_entity_poly.pdbx_strand_id
1 'polypeptide(L)'
;MGASDDLTIEILTDDADYDLQRFDCGEEALNLFLTTHLVRQHRNKILRAYILCRNTPERQVLGYYTLCGSCFERAALPSK
SKQKKIPYKNIPSVTLGRLAIDRSLQGQGWGATLVAHAMNVVWSASLAVGIHGLFVEALNEKAHTFFKSLGFIPLVGENE
NALFFPTKSIELLFTQSD
;
A,B
2 'polypeptide(L)' MAAEVIEQHRRVILNEESWTRVMDALSNPPSPGEKLKRAAKRLQGM C,D
#
# COMPACT_ATOMS: atom_id res chain seq x y z
N ASP A 5 3.34 4.74 -30.24
CA ASP A 5 4.40 5.51 -29.60
C ASP A 5 5.54 4.61 -29.09
N ASP A 6 6.78 5.16 -29.06
CA ASP A 6 8.01 4.48 -28.61
C ASP A 6 8.17 4.48 -27.08
N LEU A 7 7.51 5.42 -26.37
CA LEU A 7 7.60 5.57 -24.91
C LEU A 7 6.79 4.57 -24.08
N THR A 8 7.32 4.19 -22.90
CA THR A 8 6.68 3.30 -21.91
C THR A 8 6.86 3.82 -20.47
N ILE A 9 5.92 3.48 -19.57
CA ILE A 9 6.00 3.80 -18.13
C ILE A 9 6.18 2.49 -17.38
N GLU A 10 7.28 2.37 -16.64
CA GLU A 10 7.60 1.18 -15.88
C GLU A 10 8.29 1.54 -14.58
N ILE A 11 8.19 0.67 -13.57
CA ILE A 11 8.90 0.83 -12.29
C ILE A 11 10.38 0.57 -12.58
N LEU A 12 11.28 1.30 -11.90
CA LEU A 12 12.73 1.15 -12.06
C LEU A 12 13.11 -0.32 -11.90
N THR A 13 13.86 -0.88 -12.87
CA THR A 13 14.26 -2.30 -12.86
C THR A 13 15.57 -2.47 -12.09
N ASP A 14 15.53 -3.29 -11.04
CA ASP A 14 16.60 -3.61 -10.08
C ASP A 14 17.99 -3.92 -10.67
N ASP A 15 18.07 -4.61 -11.82
CA ASP A 15 19.38 -4.95 -12.40
C ASP A 15 19.55 -4.42 -13.84
N ALA A 16 18.91 -3.28 -14.16
CA ALA A 16 18.98 -2.64 -15.46
C ALA A 16 19.77 -1.32 -15.41
N ASP A 17 20.31 -0.90 -16.58
CA ASP A 17 21.04 0.36 -16.77
C ASP A 17 20.19 1.37 -17.54
N TYR A 18 20.24 2.64 -17.11
CA TYR A 18 19.45 3.74 -17.68
C TYR A 18 20.29 4.92 -18.18
N ASP A 19 19.84 5.58 -19.25
CA ASP A 19 20.50 6.77 -19.79
C ASP A 19 19.83 7.98 -19.14
N LEU A 20 20.46 8.53 -18.11
CA LEU A 20 19.90 9.67 -17.38
C LEU A 20 20.64 11.02 -17.47
N GLN A 21 21.96 10.99 -17.63
CA GLN A 21 22.77 12.22 -17.72
C GLN A 21 22.19 13.33 -18.60
N ARG A 22 21.61 12.98 -19.76
CA ARG A 22 21.04 13.94 -20.72
C ARG A 22 19.73 14.61 -20.25
N PHE A 23 18.98 13.99 -19.31
CA PHE A 23 17.69 14.47 -18.78
C PHE A 23 17.72 15.93 -18.32
N ASP A 24 16.72 16.72 -18.77
CA ASP A 24 16.53 18.13 -18.45
C ASP A 24 15.06 18.51 -18.41
N CYS A 25 14.53 18.78 -17.21
CA CYS A 25 13.13 19.14 -16.98
C CYS A 25 12.92 20.66 -16.74
N GLY A 26 14.01 21.40 -16.61
CA GLY A 26 13.98 22.84 -16.35
C GLY A 26 14.18 23.22 -14.89
N GLU A 27 14.09 22.23 -13.97
CA GLU A 27 14.29 22.40 -12.53
C GLU A 27 15.55 21.62 -12.12
N GLU A 28 16.64 22.35 -11.76
CA GLU A 28 17.95 21.81 -11.38
C GLU A 28 17.91 20.78 -10.25
N ALA A 29 17.00 20.95 -9.27
CA ALA A 29 16.84 20.05 -8.12
C ALA A 29 16.35 18.66 -8.54
N LEU A 30 15.38 18.61 -9.48
CA LEU A 30 14.79 17.38 -10.00
C LEU A 30 15.73 16.60 -10.92
N ASN A 31 16.69 17.28 -11.51
CA ASN A 31 17.67 16.69 -12.40
C ASN A 31 18.69 15.94 -11.58
N LEU A 32 19.27 16.62 -10.62
CA LEU A 32 20.27 16.08 -9.71
C LEU A 32 19.71 14.94 -8.91
N PHE A 33 18.41 15.00 -8.55
CA PHE A 33 17.81 13.90 -7.82
C PHE A 33 17.85 12.63 -8.68
N LEU A 34 17.54 12.76 -9.97
CA LEU A 34 17.52 11.64 -10.90
C LEU A 34 18.90 11.04 -11.15
N THR A 35 19.90 11.90 -11.38
CA THR A 35 21.24 11.44 -11.77
C THR A 35 22.16 11.09 -10.58
N THR A 36 21.76 11.35 -9.31
CA THR A 36 22.62 11.04 -8.15
C THR A 36 21.91 10.34 -6.96
N HIS A 37 20.56 10.42 -6.86
CA HIS A 37 19.86 9.86 -5.68
C HIS A 37 18.71 8.89 -5.96
N LEU A 38 17.97 9.05 -7.08
CA LEU A 38 16.81 8.23 -7.43
C LEU A 38 17.05 6.71 -7.40
N VAL A 39 18.06 6.24 -8.15
CA VAL A 39 18.39 4.81 -8.25
C VAL A 39 18.76 4.21 -6.87
N ARG A 40 19.60 4.89 -6.07
CA ARG A 40 19.98 4.34 -4.77
C ARG A 40 18.83 4.36 -3.77
N GLN A 41 17.98 5.41 -3.80
CA GLN A 41 16.82 5.50 -2.90
C GLN A 41 15.75 4.47 -3.21
N HIS A 42 15.58 4.12 -4.50
CA HIS A 42 14.65 3.08 -4.93
C HIS A 42 15.20 1.73 -4.47
N ARG A 43 16.45 1.40 -4.86
CA ARG A 43 17.09 0.15 -4.47
C ARG A 43 17.27 -0.04 -2.96
N ASN A 44 17.39 1.07 -2.19
CA ASN A 44 17.52 1.01 -0.72
C ASN A 44 16.17 1.08 -0.03
N LYS A 45 15.10 1.07 -0.82
CA LYS A 45 13.70 1.06 -0.38
C LYS A 45 13.15 2.30 0.27
N ILE A 46 13.75 3.44 0.04
CA ILE A 46 13.29 4.72 0.63
C ILE A 46 12.03 5.20 -0.11
N LEU A 47 11.96 4.93 -1.41
CA LEU A 47 10.83 5.25 -2.27
C LEU A 47 10.70 4.22 -3.39
N ARG A 48 9.64 4.34 -4.19
CA ARG A 48 9.38 3.53 -5.38
C ARG A 48 9.40 4.51 -6.54
N ALA A 49 10.37 4.34 -7.45
CA ALA A 49 10.61 5.21 -8.58
C ALA A 49 10.10 4.58 -9.88
N TYR A 50 9.32 5.39 -10.64
CA TYR A 50 8.72 5.00 -11.90
C TYR A 50 9.29 5.90 -12.99
N ILE A 51 9.68 5.27 -14.11
CA ILE A 51 10.36 5.95 -15.21
C ILE A 51 9.58 5.92 -16.52
N LEU A 52 9.56 7.07 -17.22
CA LEU A 52 9.00 7.26 -18.56
C LEU A 52 10.22 7.20 -19.47
N CYS A 53 10.35 6.14 -20.28
CA CYS A 53 11.50 5.97 -21.15
C CYS A 53 11.13 5.54 -22.58
N ARG A 54 12.12 5.57 -23.48
CA ARG A 54 12.03 5.32 -24.91
C ARG A 54 11.86 3.84 -25.36
N ASN A 55 11.74 2.86 -24.43
CA ASN A 55 11.56 1.41 -24.73
C ASN A 55 12.61 0.87 -25.74
N THR A 56 13.87 1.26 -25.52
CA THR A 56 15.01 0.85 -26.34
C THR A 56 15.95 0.12 -25.38
N PRO A 57 16.96 -0.67 -25.83
CA PRO A 57 17.88 -1.30 -24.85
C PRO A 57 18.65 -0.25 -24.04
N GLU A 58 18.82 0.92 -24.64
CA GLU A 58 19.52 2.05 -24.08
C GLU A 58 18.81 2.71 -22.92
N ARG A 59 17.50 2.52 -22.84
CA ARG A 59 16.63 3.04 -21.76
C ARG A 59 16.72 4.55 -21.46
N GLN A 60 16.53 5.38 -22.47
CA GLN A 60 16.64 6.84 -22.32
C GLN A 60 15.43 7.40 -21.54
N VAL A 61 15.68 7.88 -20.31
CA VAL A 61 14.65 8.43 -19.42
C VAL A 61 14.23 9.83 -19.84
N LEU A 62 12.93 10.01 -20.12
CA LEU A 62 12.34 11.28 -20.53
C LEU A 62 11.29 11.80 -19.53
N GLY A 63 11.37 11.31 -18.31
CA GLY A 63 10.43 11.68 -17.26
C GLY A 63 10.39 10.64 -16.17
N TYR A 64 10.02 11.08 -14.96
CA TYR A 64 9.93 10.20 -13.79
C TYR A 64 8.96 10.68 -12.73
N TYR A 65 8.62 9.78 -11.82
CA TYR A 65 7.82 10.08 -10.63
C TYR A 65 8.24 9.14 -9.50
N THR A 66 8.09 9.60 -8.25
CA THR A 66 8.42 8.81 -7.05
C THR A 66 7.19 8.68 -6.14
N LEU A 67 7.00 7.49 -5.56
CA LEU A 67 5.93 7.17 -4.61
C LEU A 67 6.48 6.60 -3.33
N CYS A 68 5.77 6.89 -2.23
CA CYS A 68 6.06 6.35 -0.91
CA CYS A 68 6.09 6.39 -0.89
C CYS A 68 4.81 6.33 -0.06
N GLY A 69 4.66 5.28 0.72
CA GLY A 69 3.52 5.13 1.63
C GLY A 69 3.60 6.18 2.73
N SER A 70 2.44 6.71 3.12
CA SER A 70 2.37 7.75 4.13
C SER A 70 1.10 7.60 4.94
N CYS A 71 0.90 8.54 5.89
CA CYS A 71 -0.30 8.70 6.71
C CYS A 71 -0.47 10.15 7.04
N PHE A 72 -1.71 10.61 6.93
CA PHE A 72 -2.08 11.97 7.26
C PHE A 72 -2.79 11.94 8.60
N GLU A 73 -2.40 12.82 9.51
CA GLU A 73 -2.96 12.93 10.85
C GLU A 73 -3.21 14.40 11.20
N ARG A 74 -4.18 14.66 12.10
CA ARG A 74 -4.47 16.02 12.54
C ARG A 74 -3.86 16.30 13.92
N ALA A 75 -3.63 17.56 14.17
CA ALA A 75 -3.11 18.03 15.44
C ALA A 75 -3.90 17.49 16.60
N TYR A 88 -6.39 12.96 16.63
CA TYR A 88 -7.64 12.24 16.49
C TYR A 88 -7.48 11.06 15.59
N LYS A 89 -7.82 11.25 14.33
CA LYS A 89 -7.66 10.16 13.41
C LYS A 89 -6.33 10.13 12.62
N ASN A 90 -6.35 9.20 11.70
CA ASN A 90 -5.25 8.79 10.81
C ASN A 90 -5.78 8.44 9.39
N ILE A 91 -4.99 8.74 8.33
CA ILE A 91 -5.33 8.43 6.92
C ILE A 91 -4.22 7.60 6.26
N PRO A 92 -4.33 6.24 6.13
CA PRO A 92 -3.31 5.51 5.34
C PRO A 92 -3.38 5.99 3.89
N SER A 93 -2.24 6.50 3.38
CA SER A 93 -2.16 7.07 2.04
C SER A 93 -0.82 6.79 1.32
N VAL A 94 -0.66 7.36 0.13
CA VAL A 94 0.56 7.29 -0.67
C VAL A 94 0.90 8.72 -1.08
N THR A 95 2.18 9.09 -0.99
CA THR A 95 2.62 10.40 -1.42
C THR A 95 3.40 10.31 -2.74
N LEU A 96 3.04 11.16 -3.71
CA LEU A 96 3.76 11.33 -4.96
C LEU A 96 4.62 12.57 -4.65
N GLY A 97 5.90 12.34 -4.33
CA GLY A 97 6.81 13.40 -3.91
C GLY A 97 7.60 14.13 -4.97
N ARG A 98 7.73 13.53 -6.15
CA ARG A 98 8.50 14.10 -7.26
C ARG A 98 7.88 13.72 -8.57
N LEU A 99 7.81 14.68 -9.49
CA LEU A 99 7.31 14.52 -10.84
C LEU A 99 8.12 15.43 -11.75
N ALA A 100 8.78 14.86 -12.74
CA ALA A 100 9.59 15.61 -13.71
C ALA A 100 9.44 15.02 -15.09
N ILE A 101 9.27 15.89 -16.09
CA ILE A 101 9.15 15.55 -17.51
C ILE A 101 10.23 16.30 -18.28
N ASP A 102 11.00 15.61 -19.12
CA ASP A 102 12.03 16.21 -19.96
C ASP A 102 11.43 17.27 -20.89
N ARG A 103 12.17 18.39 -21.08
CA ARG A 103 11.80 19.56 -21.89
C ARG A 103 11.35 19.20 -23.31
N SER A 104 11.96 18.14 -23.91
CA SER A 104 11.64 17.64 -25.24
C SER A 104 10.21 17.11 -25.35
N LEU A 105 9.64 16.62 -24.24
CA LEU A 105 8.29 16.07 -24.22
C LEU A 105 7.21 17.05 -23.76
N GLN A 106 7.62 18.14 -23.08
CA GLN A 106 6.73 19.17 -22.53
C GLN A 106 5.80 19.79 -23.58
N GLY A 107 4.50 19.78 -23.28
CA GLY A 107 3.43 20.25 -24.15
C GLY A 107 2.56 19.14 -24.70
N GLN A 108 2.96 17.87 -24.48
CA GLN A 108 2.27 16.68 -24.98
C GLN A 108 1.39 15.97 -23.93
N GLY A 109 1.34 16.52 -22.72
CA GLY A 109 0.53 15.99 -21.63
C GLY A 109 1.09 14.77 -20.92
N TRP A 110 2.44 14.57 -20.95
CA TRP A 110 3.10 13.45 -20.29
C TRP A 110 3.09 13.50 -18.77
N GLY A 111 3.06 14.70 -18.20
CA GLY A 111 2.98 14.91 -16.76
C GLY A 111 1.69 14.35 -16.20
N ALA A 112 0.56 14.67 -16.85
CA ALA A 112 -0.79 14.19 -16.52
C ALA A 112 -0.90 12.67 -16.70
N THR A 113 -0.28 12.10 -17.77
CA THR A 113 -0.28 10.65 -18.04
C THR A 113 0.47 9.89 -16.92
N LEU A 114 1.55 10.50 -16.38
CA LEU A 114 2.35 9.95 -15.28
C LEU A 114 1.58 9.95 -13.97
N VAL A 115 0.76 10.99 -13.72
CA VAL A 115 -0.10 11.09 -12.54
C VAL A 115 -1.20 10.00 -12.63
N ALA A 116 -1.77 9.78 -13.83
CA ALA A 116 -2.79 8.75 -14.07
C ALA A 116 -2.21 7.33 -13.85
N HIS A 117 -0.91 7.15 -14.19
CA HIS A 117 -0.19 5.89 -13.97
C HIS A 117 -0.04 5.69 -12.46
N ALA A 118 0.44 6.74 -11.76
CA ALA A 118 0.60 6.79 -10.30
C ALA A 118 -0.71 6.44 -9.61
N MET A 119 -1.82 7.08 -10.02
CA MET A 119 -3.16 6.85 -9.49
C MET A 119 -3.59 5.41 -9.65
N ASN A 120 -3.27 4.78 -10.78
CA ASN A 120 -3.60 3.38 -11.06
C ASN A 120 -2.81 2.41 -10.15
N VAL A 121 -1.54 2.77 -9.82
CA VAL A 121 -0.67 2.00 -8.93
C VAL A 121 -1.24 2.07 -7.52
N VAL A 122 -1.59 3.29 -7.07
CA VAL A 122 -2.19 3.60 -5.77
C VAL A 122 -3.58 2.92 -5.64
N TRP A 123 -4.34 2.87 -6.74
CA TRP A 123 -5.67 2.22 -6.77
C TRP A 123 -5.56 0.72 -6.56
N SER A 124 -4.65 0.06 -7.30
CA SER A 124 -4.33 -1.38 -7.20
C SER A 124 -3.91 -1.73 -5.78
N ALA A 125 -3.08 -0.86 -5.16
CA ALA A 125 -2.59 -1.05 -3.80
C ALA A 125 -3.69 -0.87 -2.74
N SER A 126 -4.68 0.02 -3.00
CA SER A 126 -5.85 0.21 -2.13
C SER A 126 -6.73 -1.01 -2.18
N LEU A 127 -6.89 -1.62 -3.38
CA LEU A 127 -7.69 -2.83 -3.59
C LEU A 127 -7.08 -4.00 -2.88
N ALA A 128 -5.78 -3.95 -2.63
CA ALA A 128 -5.03 -5.01 -1.97
C ALA A 128 -4.97 -4.87 -0.46
N VAL A 129 -4.49 -3.71 0.05
CA VAL A 129 -4.29 -3.52 1.50
C VAL A 129 -5.16 -2.40 2.13
N GLY A 130 -5.78 -1.53 1.35
CA GLY A 130 -6.62 -0.45 1.86
C GLY A 130 -5.89 0.86 2.12
N ILE A 131 -5.95 1.77 1.12
CA ILE A 131 -5.30 3.10 1.11
C ILE A 131 -6.39 4.10 0.67
N HIS A 132 -6.64 5.12 1.48
CA HIS A 132 -7.72 6.07 1.22
C HIS A 132 -7.49 7.26 0.31
N GLY A 133 -6.25 7.48 -0.10
CA GLY A 133 -5.95 8.59 -0.99
C GLY A 133 -4.52 8.76 -1.40
N LEU A 134 -4.32 9.75 -2.27
CA LEU A 134 -3.05 10.16 -2.84
C LEU A 134 -2.80 11.64 -2.52
N PHE A 135 -1.62 11.91 -1.93
CA PHE A 135 -1.13 13.25 -1.61
C PHE A 135 -0.03 13.57 -2.59
N VAL A 136 0.11 14.85 -2.94
CA VAL A 136 1.11 15.27 -3.90
C VAL A 136 1.85 16.51 -3.40
N GLU A 137 3.13 16.65 -3.75
CA GLU A 137 3.97 17.77 -3.34
C GLU A 137 4.14 18.78 -4.48
N ALA A 138 3.68 20.03 -4.27
CA ALA A 138 3.80 21.11 -5.25
C ALA A 138 4.66 22.25 -4.67
N LEU A 139 5.96 22.25 -5.03
CA LEU A 139 7.00 23.19 -4.60
C LEU A 139 6.92 24.60 -5.23
N ASN A 140 6.03 24.78 -6.23
CA ASN A 140 5.85 26.05 -6.95
C ASN A 140 4.40 26.24 -7.44
N GLU A 141 4.06 27.48 -7.86
CA GLU A 141 2.73 27.84 -8.35
C GLU A 141 2.33 27.16 -9.66
N LYS A 142 3.31 26.87 -10.56
CA LYS A 142 3.07 26.21 -11.85
C LYS A 142 2.61 24.76 -11.67
N ALA A 143 3.17 24.06 -10.67
CA ALA A 143 2.83 22.67 -10.34
C ALA A 143 1.51 22.64 -9.58
N HIS A 144 1.30 23.62 -8.72
CA HIS A 144 0.07 23.72 -7.92
C HIS A 144 -1.15 23.88 -8.83
N THR A 145 -0.99 24.71 -9.85
CA THR A 145 -2.03 24.94 -10.86
C THR A 145 -2.26 23.63 -11.64
N PHE A 146 -1.15 22.94 -12.03
CA PHE A 146 -1.20 21.66 -12.76
C PHE A 146 -1.97 20.60 -11.96
N PHE A 147 -1.66 20.44 -10.66
CA PHE A 147 -2.34 19.47 -9.82
C PHE A 147 -3.80 19.84 -9.58
N LYS A 148 -4.12 21.15 -9.47
CA LYS A 148 -5.50 21.66 -9.33
C LYS A 148 -6.33 21.33 -10.58
N SER A 149 -5.72 21.44 -11.79
CA SER A 149 -6.38 21.14 -13.07
C SER A 149 -6.66 19.65 -13.25
N LEU A 150 -5.94 18.80 -12.50
CA LEU A 150 -6.13 17.36 -12.51
C LEU A 150 -7.18 16.94 -11.48
N GLY A 151 -7.64 17.89 -10.64
CA GLY A 151 -8.68 17.67 -9.65
C GLY A 151 -8.23 17.48 -8.21
N PHE A 152 -6.94 17.72 -7.93
CA PHE A 152 -6.41 17.59 -6.56
C PHE A 152 -6.93 18.74 -5.70
N ILE A 153 -7.32 18.44 -4.44
CA ILE A 153 -7.85 19.43 -3.53
C ILE A 153 -6.68 20.12 -2.85
N PRO A 154 -6.54 21.46 -2.99
CA PRO A 154 -5.40 22.13 -2.33
C PRO A 154 -5.57 22.26 -0.81
N LEU A 155 -4.52 21.88 -0.07
CA LEU A 155 -4.48 21.99 1.39
C LEU A 155 -3.93 23.37 1.77
N VAL A 156 -4.21 23.83 2.98
CA VAL A 156 -3.86 25.19 3.36
C VAL A 156 -2.87 25.28 4.56
N GLY A 157 -2.35 26.50 4.77
CA GLY A 157 -1.45 26.90 5.84
C GLY A 157 -0.12 26.20 5.86
N GLU A 158 0.05 25.27 6.82
CA GLU A 158 1.26 24.47 7.01
C GLU A 158 1.37 23.40 5.91
N ASN A 159 0.23 22.99 5.34
CA ASN A 159 0.13 21.97 4.31
C ASN A 159 -0.08 22.56 2.90
N GLU A 160 0.19 23.88 2.74
CA GLU A 160 0.06 24.68 1.51
C GLU A 160 0.65 24.03 0.26
N ASN A 161 1.74 23.24 0.42
CA ASN A 161 2.44 22.56 -0.67
C ASN A 161 1.87 21.17 -0.99
N ALA A 162 0.84 20.75 -0.25
CA ALA A 162 0.19 19.46 -0.46
C ALA A 162 -1.21 19.59 -1.06
N LEU A 163 -1.54 18.65 -1.95
CA LEU A 163 -2.84 18.53 -2.61
C LEU A 163 -3.32 17.11 -2.45
N PHE A 164 -4.63 16.92 -2.25
CA PHE A 164 -5.19 15.59 -2.01
C PHE A 164 -6.19 15.10 -3.07
N PHE A 165 -6.09 13.80 -3.42
CA PHE A 165 -7.00 13.11 -4.32
C PHE A 165 -7.46 11.77 -3.69
N PRO A 166 -8.78 11.59 -3.41
CA PRO A 166 -9.22 10.34 -2.78
C PRO A 166 -9.22 9.12 -3.70
N THR A 167 -9.13 7.90 -3.11
CA THR A 167 -9.14 6.64 -3.88
C THR A 167 -10.46 6.45 -4.65
N LYS A 168 -11.59 6.88 -4.07
CA LYS A 168 -12.90 6.77 -4.69
C LYS A 168 -12.99 7.53 -6.01
N SER A 169 -12.28 8.67 -6.12
CA SER A 169 -12.19 9.46 -7.36
C SER A 169 -11.32 8.74 -8.38
N ILE A 170 -10.29 8.02 -7.92
CA ILE A 170 -9.39 7.25 -8.78
C ILE A 170 -10.18 6.07 -9.39
N GLU A 171 -10.96 5.38 -8.54
CA GLU A 171 -11.84 4.27 -8.95
C GLU A 171 -12.81 4.77 -10.04
N LEU A 172 -13.42 5.97 -9.87
CA LEU A 172 -14.31 6.62 -10.84
C LEU A 172 -13.63 6.83 -12.19
N LEU A 173 -12.34 7.22 -12.17
CA LEU A 173 -11.51 7.46 -13.35
C LEU A 173 -11.30 6.19 -14.21
N PHE A 174 -11.12 5.01 -13.58
CA PHE A 174 -10.88 3.78 -14.34
C PHE A 174 -12.10 2.83 -14.41
N THR A 175 -13.29 3.26 -13.95
CA THR A 175 -14.49 2.40 -14.02
C THR A 175 -15.61 3.00 -14.91
N GLN A 176 -15.65 4.34 -15.06
CA GLN A 176 -16.66 5.01 -15.89
C GLN A 176 -16.09 5.47 -17.24
N ASP B 5 -12.60 -30.50 -6.28
CA ASP B 5 -12.59 -29.09 -5.93
C ASP B 5 -11.73 -28.86 -4.68
N ASP B 6 -10.66 -28.06 -4.82
CA ASP B 6 -9.69 -27.75 -3.76
C ASP B 6 -9.94 -26.40 -3.09
N LEU B 7 -9.18 -26.12 -2.02
CA LEU B 7 -9.23 -24.87 -1.27
C LEU B 7 -8.42 -23.78 -1.98
N THR B 8 -9.00 -22.57 -2.05
CA THR B 8 -8.37 -21.37 -2.65
C THR B 8 -8.52 -20.17 -1.73
N ILE B 9 -7.58 -19.21 -1.83
CA ILE B 9 -7.65 -17.95 -1.10
C ILE B 9 -7.83 -16.84 -2.13
N GLU B 10 -8.88 -16.05 -1.95
CA GLU B 10 -9.17 -14.92 -2.83
C GLU B 10 -9.76 -13.77 -2.07
N ILE B 11 -9.62 -12.55 -2.64
CA ILE B 11 -10.20 -11.34 -2.08
C ILE B 11 -11.73 -11.45 -2.20
N LEU B 12 -12.45 -10.83 -1.26
CA LEU B 12 -13.90 -10.81 -1.26
C LEU B 12 -14.36 -9.91 -2.41
N THR B 13 -15.44 -10.33 -3.10
CA THR B 13 -16.08 -9.57 -4.16
C THR B 13 -17.27 -8.88 -3.50
N ASP B 14 -17.39 -7.56 -3.69
CA ASP B 14 -18.42 -6.68 -3.12
C ASP B 14 -19.88 -7.17 -3.24
N ASP B 15 -20.22 -8.00 -4.25
CA ASP B 15 -21.59 -8.48 -4.46
C ASP B 15 -21.77 -10.01 -4.59
N ALA B 16 -20.67 -10.78 -4.63
CA ALA B 16 -20.70 -12.25 -4.78
C ALA B 16 -21.44 -12.96 -3.63
N ASP B 17 -22.05 -14.13 -3.95
CA ASP B 17 -22.77 -14.97 -2.98
C ASP B 17 -21.78 -15.81 -2.18
N TYR B 18 -21.97 -15.86 -0.85
CA TYR B 18 -21.11 -16.61 0.06
C TYR B 18 -21.90 -17.29 1.19
N ASP B 19 -21.46 -18.49 1.60
CA ASP B 19 -22.06 -19.26 2.70
C ASP B 19 -21.29 -18.91 3.99
N LEU B 20 -21.90 -18.03 4.81
CA LEU B 20 -21.33 -17.48 6.06
C LEU B 20 -21.90 -18.07 7.36
N GLN B 21 -23.13 -18.62 7.30
CA GLN B 21 -23.84 -19.16 8.46
C GLN B 21 -23.17 -20.39 9.11
N ARG B 22 -22.60 -21.29 8.28
CA ARG B 22 -21.96 -22.53 8.74
C ARG B 22 -20.55 -22.36 9.33
N PHE B 23 -19.94 -21.16 9.21
CA PHE B 23 -18.57 -20.93 9.71
C PHE B 23 -18.48 -20.90 11.23
N ASP B 24 -17.58 -21.74 11.78
CA ASP B 24 -17.33 -21.82 13.22
C ASP B 24 -15.85 -22.05 13.45
N CYS B 25 -15.20 -21.12 14.16
CA CYS B 25 -13.76 -21.17 14.43
C CYS B 25 -13.39 -21.44 15.90
N GLY B 26 -14.35 -21.32 16.81
CA GLY B 26 -14.12 -21.49 18.23
C GLY B 26 -14.28 -20.18 18.97
N GLU B 27 -13.51 -19.14 18.55
CA GLU B 27 -13.57 -17.78 19.10
C GLU B 27 -14.86 -17.13 18.61
N GLU B 28 -15.79 -16.86 19.55
CA GLU B 28 -17.11 -16.29 19.31
C GLU B 28 -17.06 -14.90 18.66
N ALA B 29 -16.13 -14.05 19.14
CA ALA B 29 -15.88 -12.69 18.64
C ALA B 29 -15.43 -12.64 17.17
N LEU B 30 -14.77 -13.71 16.68
CA LEU B 30 -14.34 -13.82 15.29
C LEU B 30 -15.44 -14.36 14.39
N ASN B 31 -16.33 -15.13 14.98
CA ASN B 31 -17.44 -15.74 14.27
C ASN B 31 -18.50 -14.74 13.84
N LEU B 32 -18.88 -13.86 14.75
CA LEU B 32 -19.90 -12.84 14.50
C LEU B 32 -19.44 -11.73 13.59
N PHE B 33 -18.13 -11.38 13.64
CA PHE B 33 -17.57 -10.35 12.75
C PHE B 33 -17.79 -10.76 11.31
N LEU B 34 -17.63 -12.05 10.99
CA LEU B 34 -17.83 -12.55 9.63
C LEU B 34 -19.27 -12.38 9.16
N THR B 35 -20.24 -12.77 10.00
CA THR B 35 -21.68 -12.73 9.71
C THR B 35 -22.36 -11.35 9.81
N THR B 36 -21.81 -10.41 10.62
CA THR B 36 -22.43 -9.10 10.81
C THR B 36 -21.60 -7.85 10.37
N HIS B 37 -20.26 -7.97 10.19
CA HIS B 37 -19.45 -6.80 9.84
C HIS B 37 -18.58 -6.90 8.58
N LEU B 38 -17.96 -8.08 8.35
CA LEU B 38 -17.04 -8.39 7.25
C LEU B 38 -17.41 -7.80 5.89
N VAL B 39 -18.55 -8.26 5.32
CA VAL B 39 -19.08 -7.89 4.00
C VAL B 39 -19.27 -6.38 3.81
N ARG B 40 -19.91 -5.72 4.80
CA ARG B 40 -20.20 -4.28 4.77
CA ARG B 40 -20.21 -4.29 4.78
C ARG B 40 -18.93 -3.44 4.93
N GLN B 41 -18.01 -3.86 5.82
CA GLN B 41 -16.75 -3.14 6.06
C GLN B 41 -15.77 -3.23 4.87
N HIS B 42 -15.89 -4.29 4.06
CA HIS B 42 -15.12 -4.48 2.83
C HIS B 42 -15.74 -3.59 1.72
N ARG B 43 -17.08 -3.55 1.69
CA ARG B 43 -17.81 -2.71 0.73
C ARG B 43 -17.59 -1.20 0.98
N ASN B 44 -17.60 -0.80 2.25
CA ASN B 44 -17.40 0.60 2.65
C ASN B 44 -15.94 0.99 2.78
N LYS B 45 -15.04 0.08 2.39
CA LYS B 45 -13.61 0.35 2.39
C LYS B 45 -12.97 0.65 3.74
N ILE B 46 -13.37 -0.06 4.78
CA ILE B 46 -12.76 0.14 6.10
C ILE B 46 -11.58 -0.84 6.23
N LEU B 47 -11.71 -1.97 5.52
CA LEU B 47 -10.71 -3.01 5.45
C LEU B 47 -10.85 -3.75 4.14
N ARG B 48 -9.83 -4.59 3.84
CA ARG B 48 -9.78 -5.47 2.67
C ARG B 48 -9.82 -6.89 3.22
N ALA B 49 -10.87 -7.63 2.88
CA ALA B 49 -11.13 -8.99 3.35
C ALA B 49 -10.79 -10.05 2.31
N TYR B 50 -10.16 -11.13 2.78
CA TYR B 50 -9.74 -12.28 1.98
C TYR B 50 -10.37 -13.54 2.59
N ILE B 51 -10.88 -14.43 1.73
CA ILE B 51 -11.53 -15.64 2.20
C ILE B 51 -10.87 -16.93 1.68
N LEU B 52 -10.92 -17.96 2.53
CA LEU B 52 -10.49 -19.33 2.25
C LEU B 52 -11.81 -20.08 1.95
N CYS B 53 -11.92 -20.69 0.77
CA CYS B 53 -13.12 -21.42 0.34
C CYS B 53 -12.82 -22.48 -0.73
N ARG B 54 -13.87 -23.23 -1.15
CA ARG B 54 -13.84 -24.25 -2.18
C ARG B 54 -14.66 -23.79 -3.38
N GLU B 58 -21.04 -22.86 -5.22
CA GLU B 58 -21.09 -23.10 -3.77
C GLU B 58 -20.45 -21.94 -2.95
N ARG B 59 -19.10 -21.86 -2.91
CA ARG B 59 -18.27 -20.88 -2.17
C ARG B 59 -18.58 -20.85 -0.65
N GLN B 60 -18.26 -21.98 0.04
CA GLN B 60 -18.43 -22.13 1.49
C GLN B 60 -17.17 -21.65 2.21
N VAL B 61 -17.29 -20.53 2.95
CA VAL B 61 -16.24 -19.86 3.71
C VAL B 61 -15.70 -20.75 4.83
N LEU B 62 -14.42 -21.15 4.71
CA LEU B 62 -13.75 -22.01 5.67
C LEU B 62 -12.62 -21.32 6.45
N GLY B 63 -12.50 -20.02 6.22
CA GLY B 63 -11.50 -19.17 6.86
C GLY B 63 -11.42 -17.81 6.23
N TYR B 64 -10.85 -16.83 6.95
CA TYR B 64 -10.70 -15.46 6.48
C TYR B 64 -9.66 -14.65 7.25
N TYR B 65 -9.26 -13.52 6.65
CA TYR B 65 -8.36 -12.53 7.22
C TYR B 65 -8.68 -11.16 6.67
N THR B 66 -8.38 -10.11 7.44
CA THR B 66 -8.64 -8.73 7.05
C THR B 66 -7.34 -7.93 7.07
N LEU B 67 -7.19 -7.01 6.10
CA LEU B 67 -6.04 -6.10 6.01
C LEU B 67 -6.53 -4.69 5.99
N CYS B 68 -5.65 -3.77 6.39
CA CYS B 68 -5.86 -2.33 6.34
C CYS B 68 -4.50 -1.64 6.47
N GLY B 69 -4.26 -0.65 5.60
CA GLY B 69 -3.06 0.15 5.62
C GLY B 69 -2.99 0.93 6.92
N SER B 70 -1.79 1.05 7.49
CA SER B 70 -1.61 1.73 8.76
C SER B 70 -0.26 2.41 8.83
N CYS B 71 0.02 3.06 9.96
CA CYS B 71 1.30 3.70 10.22
C CYS B 71 1.69 3.54 11.68
N PHE B 72 3.00 3.49 11.94
CA PHE B 72 3.55 3.36 13.28
C PHE B 72 4.46 4.52 13.63
N GLU B 73 4.20 5.14 14.79
CA GLU B 73 4.97 6.25 15.31
C GLU B 73 5.44 6.01 16.74
N ARG B 74 6.43 6.80 17.17
CA ARG B 74 7.04 6.78 18.49
C ARG B 74 6.20 7.70 19.40
N ALA B 75 5.98 7.29 20.66
CA ALA B 75 5.22 8.08 21.65
C ALA B 75 6.07 9.23 22.17
N LYS B 89 8.02 11.34 13.03
CA LYS B 89 8.33 10.13 12.27
C LYS B 89 7.17 9.13 12.32
N ASN B 90 6.46 9.06 11.19
CA ASN B 90 5.37 8.14 10.98
C ASN B 90 5.78 7.30 9.77
N ILE B 91 5.88 6.00 9.97
CA ILE B 91 6.30 5.04 8.94
C ILE B 91 5.16 4.09 8.44
N PRO B 92 4.98 3.96 7.10
CA PRO B 92 3.90 3.11 6.55
C PRO B 92 4.01 1.61 6.82
N SER B 93 2.86 1.01 7.09
CA SER B 93 2.71 -0.42 7.36
C SER B 93 1.33 -0.92 6.91
N VAL B 94 1.07 -2.22 7.09
CA VAL B 94 -0.24 -2.82 6.89
C VAL B 94 -0.54 -3.57 8.19
N THR B 95 -1.81 -3.59 8.61
CA THR B 95 -2.24 -4.32 9.80
C THR B 95 -3.16 -5.46 9.41
N LEU B 96 -2.83 -6.67 9.88
CA LEU B 96 -3.64 -7.87 9.72
C LEU B 96 -4.38 -7.89 11.03
N GLY B 97 -5.63 -7.44 11.03
CA GLY B 97 -6.41 -7.29 12.26
C GLY B 97 -7.18 -8.48 12.76
N ARG B 98 -7.70 -9.30 11.83
CA ARG B 98 -8.50 -10.48 12.14
CA ARG B 98 -8.48 -10.48 12.15
C ARG B 98 -8.07 -11.64 11.28
N LEU B 99 -8.06 -12.85 11.86
CA LEU B 99 -7.67 -14.08 11.18
C LEU B 99 -8.38 -15.23 11.86
N ALA B 100 -9.23 -15.95 11.11
CA ALA B 100 -10.00 -17.07 11.64
C ALA B 100 -10.07 -18.24 10.64
N ILE B 101 -10.00 -19.48 11.17
CA ILE B 101 -10.05 -20.74 10.40
C ILE B 101 -11.16 -21.61 10.99
N ASP B 102 -11.99 -22.21 10.13
CA ASP B 102 -13.06 -23.13 10.55
C ASP B 102 -12.48 -24.32 11.34
N ARG B 103 -13.17 -24.72 12.44
CA ARG B 103 -12.78 -25.82 13.34
C ARG B 103 -12.51 -27.14 12.62
N SER B 104 -13.18 -27.38 11.47
CA SER B 104 -13.00 -28.58 10.67
C SER B 104 -11.58 -28.67 10.08
N LEU B 105 -10.94 -27.50 9.86
CA LEU B 105 -9.60 -27.43 9.27
C LEU B 105 -8.44 -27.36 10.29
N GLN B 106 -8.74 -27.50 11.60
CA GLN B 106 -7.73 -27.45 12.67
C GLN B 106 -6.70 -28.58 12.54
N GLY B 107 -5.43 -28.26 12.78
CA GLY B 107 -4.31 -29.19 12.68
C GLY B 107 -3.79 -29.42 11.28
N GLN B 108 -4.07 -28.48 10.36
CA GLN B 108 -3.68 -28.53 8.94
C GLN B 108 -2.78 -27.38 8.51
N GLY B 109 -2.58 -26.39 9.39
CA GLY B 109 -1.72 -25.24 9.11
C GLY B 109 -2.28 -24.21 8.16
N TRP B 110 -3.63 -24.13 8.04
CA TRP B 110 -4.32 -23.19 7.16
C TRP B 110 -4.23 -21.74 7.60
N GLY B 111 -4.16 -21.53 8.92
CA GLY B 111 -4.05 -20.20 9.50
C GLY B 111 -2.74 -19.57 9.12
N ALA B 112 -1.66 -20.36 9.24
CA ALA B 112 -0.29 -20.02 8.88
C ALA B 112 -0.17 -19.76 7.39
N THR B 113 -0.93 -20.50 6.56
CA THR B 113 -1.00 -20.34 5.12
C THR B 113 -1.68 -19.00 4.75
N LEU B 114 -2.75 -18.60 5.47
CA LEU B 114 -3.43 -17.30 5.25
C LEU B 114 -2.48 -16.16 5.60
N VAL B 115 -1.72 -16.32 6.70
CA VAL B 115 -0.69 -15.36 7.15
C VAL B 115 0.35 -15.15 6.02
N ALA B 116 0.86 -16.27 5.42
CA ALA B 116 1.79 -16.27 4.29
C ALA B 116 1.19 -15.57 3.05
N HIS B 117 -0.11 -15.84 2.76
CA HIS B 117 -0.86 -15.22 1.66
C HIS B 117 -0.89 -13.71 1.87
N ALA B 118 -1.21 -13.26 3.10
CA ALA B 118 -1.26 -11.86 3.53
C ALA B 118 0.09 -11.21 3.37
N MET B 119 1.18 -11.94 3.74
CA MET B 119 2.56 -11.47 3.61
C MET B 119 2.89 -11.23 2.14
N ASN B 120 2.36 -12.08 1.25
CA ASN B 120 2.56 -11.93 -0.19
C ASN B 120 1.82 -10.68 -0.74
N VAL B 121 0.60 -10.42 -0.26
CA VAL B 121 -0.21 -9.27 -0.65
C VAL B 121 0.54 -7.95 -0.25
N VAL B 122 1.03 -7.89 1.00
CA VAL B 122 1.78 -6.79 1.61
C VAL B 122 3.11 -6.58 0.87
N TRP B 123 3.77 -7.69 0.53
CA TRP B 123 5.01 -7.77 -0.24
C TRP B 123 4.81 -7.16 -1.64
N SER B 124 3.74 -7.55 -2.36
CA SER B 124 3.41 -6.98 -3.69
C SER B 124 3.15 -5.49 -3.57
N ALA B 125 2.36 -5.06 -2.56
CA ALA B 125 2.03 -3.65 -2.31
C ALA B 125 3.25 -2.77 -2.00
N SER B 126 4.15 -3.26 -1.13
CA SER B 126 5.39 -2.58 -0.75
C SER B 126 6.24 -2.30 -1.97
N LEU B 127 6.26 -3.24 -2.93
CA LEU B 127 6.98 -3.13 -4.19
C LEU B 127 6.35 -2.10 -5.14
N ALA B 128 5.07 -1.80 -4.95
CA ALA B 128 4.35 -0.82 -5.76
C ALA B 128 4.47 0.60 -5.18
N VAL B 129 4.14 0.75 -3.87
CA VAL B 129 4.10 2.08 -3.24
C VAL B 129 5.07 2.30 -2.04
N GLY B 130 5.65 1.26 -1.46
CA GLY B 130 6.54 1.42 -0.31
C GLY B 130 5.89 1.28 1.05
N ILE B 131 5.84 0.04 1.57
CA ILE B 131 5.26 -0.35 2.87
C ILE B 131 6.35 -1.09 3.64
N HIS B 132 6.80 -0.53 4.76
CA HIS B 132 7.90 -1.09 5.53
C HIS B 132 7.66 -2.31 6.42
N GLY B 133 6.42 -2.66 6.66
CA GLY B 133 6.15 -3.79 7.52
C GLY B 133 4.71 -4.20 7.65
N LEU B 134 4.50 -5.28 8.40
CA LEU B 134 3.20 -5.87 8.71
C LEU B 134 3.00 -6.00 10.23
N PHE B 135 1.86 -5.48 10.71
CA PHE B 135 1.44 -5.58 12.10
C PHE B 135 0.31 -6.58 12.17
N VAL B 136 0.23 -7.32 13.26
CA VAL B 136 -0.86 -8.27 13.48
C VAL B 136 -1.47 -8.02 14.81
N GLU B 137 -2.71 -8.40 14.94
CA GLU B 137 -3.47 -8.20 16.18
C GLU B 137 -3.73 -9.54 16.86
N ALA B 138 -3.33 -9.67 18.13
CA ALA B 138 -3.48 -10.88 18.92
C ALA B 138 -4.05 -10.54 20.28
N LEU B 139 -5.37 -10.76 20.45
CA LEU B 139 -6.09 -10.43 21.68
C LEU B 139 -6.00 -11.50 22.77
N ASN B 140 -5.82 -12.77 22.36
CA ASN B 140 -5.68 -13.89 23.29
C ASN B 140 -4.28 -14.54 23.20
N GLU B 141 -3.96 -15.43 24.16
CA GLU B 141 -2.67 -16.11 24.24
C GLU B 141 -2.47 -17.17 23.16
N LYS B 142 -3.55 -17.77 22.62
CA LYS B 142 -3.47 -18.75 21.54
C LYS B 142 -2.97 -18.06 20.27
N ALA B 143 -3.52 -16.85 19.98
CA ALA B 143 -3.20 -15.97 18.85
C ALA B 143 -1.76 -15.45 18.95
N HIS B 144 -1.35 -14.99 20.14
CA HIS B 144 -0.01 -14.46 20.39
C HIS B 144 1.09 -15.50 20.17
N THR B 145 0.92 -16.72 20.69
CA THR B 145 1.91 -17.77 20.54
C THR B 145 1.95 -18.29 19.09
N PHE B 146 0.81 -18.24 18.37
CA PHE B 146 0.72 -18.64 16.98
C PHE B 146 1.52 -17.69 16.08
N PHE B 147 1.37 -16.36 16.30
CA PHE B 147 2.07 -15.38 15.49
C PHE B 147 3.56 -15.36 15.80
N LYS B 148 3.91 -15.52 17.09
CA LYS B 148 5.28 -15.62 17.60
C LYS B 148 6.00 -16.81 16.95
N SER B 149 5.32 -17.96 16.81
CA SER B 149 5.84 -19.16 16.16
C SER B 149 6.12 -18.97 14.67
N LEU B 150 5.53 -17.94 14.04
CA LEU B 150 5.73 -17.62 12.62
C LEU B 150 6.86 -16.59 12.45
N GLY B 151 7.46 -16.14 13.56
CA GLY B 151 8.57 -15.21 13.53
C GLY B 151 8.22 -13.75 13.78
N PHE B 152 6.93 -13.43 14.02
CA PHE B 152 6.53 -12.06 14.35
C PHE B 152 7.17 -11.64 15.68
N ILE B 153 7.58 -10.37 15.78
CA ILE B 153 8.26 -9.81 16.94
C ILE B 153 7.24 -9.36 17.97
N PRO B 154 7.30 -9.88 19.23
CA PRO B 154 6.32 -9.45 20.24
C PRO B 154 6.60 -8.06 20.81
N LEU B 155 5.55 -7.23 20.93
CA LEU B 155 5.66 -5.88 21.47
C LEU B 155 5.19 -5.84 22.93
N VAL B 156 5.41 -4.71 23.63
CA VAL B 156 5.14 -4.67 25.07
C VAL B 156 4.42 -3.38 25.55
N GLY B 157 3.86 -3.44 26.77
CA GLY B 157 3.15 -2.34 27.41
C GLY B 157 1.79 -2.11 26.77
N GLU B 158 1.59 -0.92 26.18
CA GLU B 158 0.35 -0.56 25.49
C GLU B 158 0.23 -1.28 24.14
N ASN B 159 1.34 -1.91 23.68
CA ASN B 159 1.43 -2.61 22.40
C ASN B 159 1.55 -4.12 22.52
N GLU B 160 1.29 -4.67 23.73
CA GLU B 160 1.41 -6.10 24.02
C GLU B 160 0.50 -7.00 23.15
N ASN B 161 -0.59 -6.44 22.59
CA ASN B 161 -1.50 -7.19 21.72
C ASN B 161 -1.14 -7.12 20.23
N ALA B 162 0.00 -6.47 19.92
CA ALA B 162 0.50 -6.32 18.56
C ALA B 162 1.86 -6.98 18.37
N LEU B 163 2.08 -7.55 17.18
CA LEU B 163 3.33 -8.18 16.80
C LEU B 163 3.72 -7.61 15.44
N PHE B 164 5.02 -7.57 15.15
CA PHE B 164 5.51 -6.98 13.91
C PHE B 164 6.41 -7.89 13.08
N PHE B 165 6.27 -7.81 11.76
CA PHE B 165 7.13 -8.49 10.79
C PHE B 165 7.55 -7.50 9.70
N PRO B 166 8.87 -7.28 9.48
CA PRO B 166 9.27 -6.32 8.43
C PRO B 166 9.18 -6.91 7.03
N THR B 167 9.02 -6.05 6.01
CA THR B 167 8.94 -6.44 4.60
C THR B 167 10.24 -7.11 4.08
N LYS B 168 11.41 -6.69 4.60
CA LYS B 168 12.70 -7.31 4.21
C LYS B 168 12.70 -8.83 4.52
N SER B 169 12.03 -9.24 5.64
CA SER B 169 11.88 -10.63 6.07
C SER B 169 10.84 -11.35 5.19
N ILE B 170 9.80 -10.61 4.72
CA ILE B 170 8.77 -11.15 3.84
C ILE B 170 9.42 -11.41 2.46
N GLU B 171 10.30 -10.49 2.05
CA GLU B 171 11.09 -10.58 0.82
C GLU B 171 11.98 -11.83 0.88
N LEU B 172 12.65 -12.08 2.03
CA LEU B 172 13.47 -13.28 2.24
C LEU B 172 12.64 -14.57 2.10
N LEU B 173 11.41 -14.60 2.62
CA LEU B 173 10.50 -15.74 2.51
C LEU B 173 10.12 -16.11 1.04
N PHE B 174 10.00 -15.11 0.17
CA PHE B 174 9.56 -15.33 -1.22
C PHE B 174 10.68 -15.25 -2.26
N THR B 175 11.91 -14.87 -1.86
CA THR B 175 13.05 -14.82 -2.78
C THR B 175 14.10 -15.84 -2.38
N GLN B 176 14.35 -15.98 -1.06
CA GLN B 176 15.32 -16.92 -0.50
C GLN B 176 14.73 -18.34 -0.62
N SER B 177 15.48 -19.18 -1.29
CA SER B 177 15.10 -20.53 -1.51
C SER B 177 16.41 -21.14 -1.99
N ASP B 178 17.34 -21.14 -1.03
CA ASP B 178 18.72 -21.60 -1.11
C ASP B 178 19.57 -20.70 -1.99
N HIS C 9 7.98 14.23 -0.73
CA HIS C 9 8.87 13.48 0.15
C HIS C 9 8.32 13.35 1.59
N ARG C 10 7.01 13.64 1.76
CA ARG C 10 6.32 13.62 3.06
C ARG C 10 5.60 12.30 3.39
N ARG C 11 6.08 11.63 4.45
CA ARG C 11 5.51 10.38 4.99
C ARG C 11 4.64 10.67 6.24
N VAL C 12 4.76 11.87 6.79
CA VAL C 12 3.97 12.33 7.91
C VAL C 12 3.29 13.64 7.54
N ILE C 13 2.05 13.51 7.12
CA ILE C 13 1.26 14.65 6.75
C ILE C 13 0.53 15.14 8.02
N LEU C 14 0.89 16.31 8.54
CA LEU C 14 0.26 16.89 9.74
C LEU C 14 -0.72 18.04 9.39
N ASN C 15 -2.00 17.73 9.34
CA ASN C 15 -3.12 18.63 8.97
C ASN C 15 -3.76 19.54 10.04
N GLU C 16 -4.47 20.61 9.63
CA GLU C 16 -5.24 21.50 10.54
C GLU C 16 -6.73 21.80 10.16
N GLU C 17 -6.96 22.69 9.22
CA GLU C 17 -8.26 22.91 8.58
C GLU C 17 -8.21 22.19 7.21
N SER C 18 -7.03 21.70 6.86
CA SER C 18 -6.71 20.94 5.72
C SER C 18 -7.31 19.58 5.93
N TRP C 19 -7.48 19.26 7.19
CA TRP C 19 -8.06 18.02 7.66
C TRP C 19 -9.52 17.93 7.22
N THR C 20 -10.31 19.03 7.38
CA THR C 20 -11.71 19.09 6.99
C THR C 20 -11.84 18.97 5.46
N ARG C 21 -10.90 19.58 4.70
CA ARG C 21 -10.85 19.52 3.23
C ARG C 21 -10.68 18.10 2.75
N VAL C 22 -9.80 17.32 3.43
CA VAL C 22 -9.54 15.92 3.14
C VAL C 22 -10.74 15.07 3.55
N MET C 23 -11.32 15.33 4.74
CA MET C 23 -12.53 14.64 5.22
C MET C 23 -13.71 14.83 4.27
N ASP C 24 -13.87 16.07 3.74
CA ASP C 24 -14.91 16.45 2.78
C ASP C 24 -14.69 15.82 1.43
N ALA C 25 -13.41 15.65 1.02
CA ALA C 25 -13.02 15.01 -0.23
C ALA C 25 -13.35 13.51 -0.16
N LEU C 26 -13.23 12.91 1.04
CA LEU C 26 -13.53 11.50 1.25
C LEU C 26 -15.04 11.22 1.23
N SER C 27 -15.86 12.11 1.83
CA SER C 27 -17.30 11.96 1.89
C SER C 27 -17.97 12.45 0.62
N ASN C 28 -17.31 13.35 -0.13
CA ASN C 28 -17.81 13.92 -1.38
C ASN C 28 -16.65 13.88 -2.38
N PRO C 29 -16.34 12.69 -2.96
CA PRO C 29 -15.19 12.60 -3.86
C PRO C 29 -15.35 13.38 -5.16
N PRO C 30 -14.31 14.15 -5.59
CA PRO C 30 -14.42 14.90 -6.84
C PRO C 30 -14.60 14.01 -8.08
N SER C 31 -15.37 14.50 -9.07
CA SER C 31 -15.59 13.78 -10.31
C SER C 31 -14.40 14.02 -11.24
N PRO C 32 -13.75 12.97 -11.80
CA PRO C 32 -12.59 13.21 -12.67
C PRO C 32 -12.97 14.10 -13.86
N GLY C 33 -12.19 15.17 -14.03
CA GLY C 33 -12.35 16.16 -15.08
C GLY C 33 -11.87 15.66 -16.43
N GLU C 34 -12.09 16.46 -17.47
CA GLU C 34 -11.70 16.11 -18.83
C GLU C 34 -10.20 15.93 -19.02
N LYS C 35 -9.38 16.80 -18.38
CA LYS C 35 -7.92 16.76 -18.48
C LYS C 35 -7.37 15.42 -18.01
N LEU C 36 -7.82 14.97 -16.82
CA LEU C 36 -7.45 13.70 -16.21
C LEU C 36 -7.98 12.50 -16.99
N LYS C 37 -9.19 12.62 -17.55
CA LYS C 37 -9.83 11.57 -18.36
C LYS C 37 -9.01 11.31 -19.63
N ARG C 38 -8.47 12.40 -20.24
CA ARG C 38 -7.61 12.37 -21.43
C ARG C 38 -6.33 11.59 -21.11
N ALA C 39 -5.68 11.93 -19.98
CA ALA C 39 -4.46 11.30 -19.47
C ALA C 39 -4.69 9.79 -19.27
N ALA C 40 -5.84 9.41 -18.67
CA ALA C 40 -6.23 8.02 -18.43
C ALA C 40 -6.44 7.22 -19.72
N LYS C 41 -7.01 7.86 -20.77
CA LYS C 41 -7.26 7.25 -22.08
C LYS C 41 -5.94 7.06 -22.85
N ARG C 42 -4.99 8.00 -22.66
CA ARG C 42 -3.66 7.96 -23.27
C ARG C 42 -2.83 6.84 -22.69
N LEU C 43 -3.00 6.60 -21.38
CA LEU C 43 -2.35 5.57 -20.58
C LEU C 43 -2.90 4.18 -20.94
N GLN C 44 -4.25 4.07 -21.11
CA GLN C 44 -4.97 2.83 -21.44
C GLN C 44 -4.29 2.06 -22.56
N GLY C 45 -4.28 2.66 -23.76
CA GLY C 45 -3.63 2.07 -24.93
C GLY C 45 -2.26 2.69 -25.11
N MET C 46 -1.22 2.00 -24.61
CA MET C 46 0.16 2.49 -24.69
C MET C 46 1.14 1.43 -25.17
N ARG D 10 -8.58 2.63 8.30
CA ARG D 10 -7.54 3.40 9.00
C ARG D 10 -7.03 2.72 10.29
N ARG D 11 -5.70 2.79 10.55
CA ARG D 11 -5.05 2.24 11.77
C ARG D 11 -3.73 2.99 12.12
N VAL D 12 -3.46 3.19 13.43
CA VAL D 12 -2.27 3.91 13.92
C VAL D 12 -1.64 3.21 15.13
N ILE D 13 -0.35 2.83 14.99
CA ILE D 13 0.46 2.14 16.02
C ILE D 13 1.34 3.17 16.74
N LEU D 14 1.31 3.12 18.07
CA LEU D 14 2.12 3.97 18.92
C LEU D 14 3.09 3.06 19.66
N ASN D 15 4.37 3.38 19.56
CA ASN D 15 5.45 2.60 20.19
C ASN D 15 6.34 3.33 21.26
N GLU D 16 7.12 2.56 22.08
CA GLU D 16 8.15 3.01 23.07
C GLU D 16 9.47 2.21 23.27
N GLU D 17 9.37 0.93 23.65
CA GLU D 17 10.48 0.00 23.78
C GLU D 17 10.11 -0.99 22.72
N SER D 18 8.86 -0.91 22.30
CA SER D 18 8.31 -1.61 21.15
C SER D 18 8.95 -0.97 19.92
N TRP D 19 9.23 0.35 20.00
CA TRP D 19 9.90 1.11 18.94
C TRP D 19 11.30 0.56 18.70
N THR D 20 12.03 0.25 19.79
CA THR D 20 13.38 -0.32 19.77
C THR D 20 13.37 -1.69 19.11
N ARG D 21 12.38 -2.53 19.46
CA ARG D 21 12.23 -3.87 18.89
C ARG D 21 11.91 -3.82 17.41
N VAL D 22 11.04 -2.87 17.02
CA VAL D 22 10.63 -2.65 15.62
C VAL D 22 11.81 -2.15 14.79
N MET D 23 12.54 -1.11 15.30
CA MET D 23 13.72 -0.53 14.65
C MET D 23 14.81 -1.57 14.42
N ASP D 24 15.05 -2.45 15.42
CA ASP D 24 16.02 -3.54 15.35
C ASP D 24 15.64 -4.58 14.29
N ALA D 25 14.33 -4.89 14.16
CA ALA D 25 13.83 -5.84 13.16
C ALA D 25 13.92 -5.26 11.75
N LEU D 26 13.86 -3.91 11.61
CA LEU D 26 13.98 -3.24 10.32
C LEU D 26 15.45 -3.13 9.91
N SER D 27 16.34 -2.88 10.90
CA SER D 27 17.78 -2.74 10.71
C SER D 27 18.41 -4.09 10.44
N ASN D 28 18.10 -5.06 11.32
CA ASN D 28 18.61 -6.41 11.24
C ASN D 28 17.40 -7.35 11.03
N PRO D 29 16.90 -7.49 9.77
CA PRO D 29 15.71 -8.33 9.54
C PRO D 29 15.88 -9.81 9.85
N PRO D 30 15.00 -10.38 10.72
CA PRO D 30 15.12 -11.81 11.05
C PRO D 30 14.88 -12.70 9.84
N SER D 31 15.61 -13.82 9.79
CA SER D 31 15.46 -14.80 8.73
C SER D 31 14.17 -15.59 8.99
N PRO D 32 13.34 -15.87 7.94
CA PRO D 32 12.11 -16.66 8.15
C PRO D 32 12.43 -18.06 8.67
N GLY D 33 11.59 -18.56 9.57
CA GLY D 33 11.77 -19.88 10.16
C GLY D 33 11.10 -20.95 9.34
N GLU D 34 11.28 -22.21 9.74
CA GLU D 34 10.75 -23.40 9.07
C GLU D 34 9.21 -23.47 9.07
N LYS D 35 8.55 -22.93 10.12
CA LYS D 35 7.10 -22.94 10.22
C LYS D 35 6.49 -22.06 9.14
N LEU D 36 7.04 -20.84 8.96
CA LEU D 36 6.63 -19.86 7.97
C LEU D 36 6.99 -20.30 6.56
N LYS D 37 8.21 -20.85 6.39
CA LYS D 37 8.70 -21.38 5.11
C LYS D 37 7.79 -22.51 4.58
N ARG D 38 7.25 -23.35 5.49
CA ARG D 38 6.33 -24.45 5.17
C ARG D 38 4.98 -23.94 4.72
N ALA D 39 4.48 -22.87 5.38
CA ALA D 39 3.22 -22.17 5.13
C ALA D 39 3.23 -21.50 3.76
N ALA D 40 4.39 -20.92 3.34
CA ALA D 40 4.58 -20.29 2.01
C ALA D 40 4.62 -21.37 0.94
N LYS D 41 5.26 -22.52 1.23
CA LYS D 41 5.37 -23.68 0.33
C LYS D 41 3.98 -24.30 0.12
N ARG D 42 3.15 -24.33 1.20
CA ARG D 42 1.78 -24.84 1.20
C ARG D 42 0.89 -23.95 0.33
N LEU D 43 1.17 -22.64 0.35
CA LEU D 43 0.50 -21.60 -0.42
C LEU D 43 0.78 -21.72 -1.91
N GLN D 44 2.05 -21.94 -2.27
CA GLN D 44 2.51 -22.11 -3.65
C GLN D 44 1.91 -23.38 -4.29
N GLY D 45 1.80 -24.44 -3.50
CA GLY D 45 1.24 -25.71 -3.92
C GLY D 45 -0.28 -25.74 -3.92
N MET D 46 -0.90 -24.68 -4.47
CA MET D 46 -2.36 -24.54 -4.57
C MET D 46 -2.72 -24.34 -6.04
#